data_7ZVK
#
_entry.id   7ZVK
#
_cell.length_a   145.256
_cell.length_b   145.256
_cell.length_c   36.046
_cell.angle_alpha   90.000
_cell.angle_beta   90.000
_cell.angle_gamma   90.000
#
_symmetry.space_group_name_H-M   'I 41'
#
loop_
_entity.id
_entity.type
_entity.pdbx_description
1 polymer 'Stimulator of interferon protein'
2 non-polymer 9-[(1~{R},6~{R},8~{R},9~{R},10~{R},15~{R},17~{R},18~{S})-8-(6-aminopurin-9-yl)-9-fluoranyl-3,12,18-tris(oxidanyl)-3,12-bis(oxidanylidene)-2,4,7,11,13-pentaoxa-3$l^{5},12$l^{5}-diphosphatricyclo[13.3.0.0^{6,10}]octadecan-17-yl]-3~{H}-purin-6-one
#
_entity_poly.entity_id   1
_entity_poly.type   'polypeptide(L)'
_entity_poly.pdbx_seq_one_letter_code
;APAEISAVCEKGNFNVAHGLAWSYYIGYLRLILPELQARIRTYNQHYNNLLRGAVSQRLYILLPLDCGVPDNLSMADPNI
RFLDKLPQQTGDRAGIKDRVYSNSIYELLENGQRAGTCVLEYATPLQTLFAMSQYSQAGFSREDRLEQAKLFCRTLEDIL
ADAPESQNNCRLIAYQEPADDSSFSLSQEVLRHLRQEEKEEVTV
;
_entity_poly.pdbx_strand_id   A,B
#
loop_
_chem_comp.id
_chem_comp.type
_chem_comp.name
_chem_comp.formula
K1L non-polymer 9-[(1~{R},6~{R},8~{R},9~{R},10~{R},15~{R},17~{R},18~{S})-8-(6-aminopurin-9-yl)-9-fluoranyl-3,12,18-tris(oxidanyl)-3,12-bis(oxidanylidene)-2,4,7,11,13-pentaoxa-3$l^{5},12$l^{5}-diphosphatricyclo[13.3.0.0^{6,10}]octadecan-17-yl]-3~{H}-purin-6-one 'C21 H24 F N9 O11 P2'
#
# COMPACT_ATOMS: atom_id res chain seq x y z
N ASN A 15 -11.57 -14.89 -7.86
CA ASN A 15 -10.34 -14.99 -7.09
C ASN A 15 -9.65 -13.64 -6.95
N VAL A 16 -10.20 -12.78 -6.08
CA VAL A 16 -9.63 -11.47 -5.85
C VAL A 16 -8.29 -11.57 -5.12
N ALA A 17 -8.13 -12.61 -4.28
CA ALA A 17 -6.92 -12.72 -3.44
C ALA A 17 -5.65 -12.86 -4.27
N HIS A 18 -5.77 -13.38 -5.51
CA HIS A 18 -4.58 -13.56 -6.33
C HIS A 18 -3.88 -12.24 -6.60
N GLY A 19 -4.65 -11.21 -6.96
CA GLY A 19 -4.05 -9.91 -7.22
C GLY A 19 -3.50 -9.26 -5.96
N LEU A 20 -4.20 -9.43 -4.83
CA LEU A 20 -3.76 -8.82 -3.58
C LEU A 20 -2.43 -9.40 -3.13
N ALA A 21 -2.23 -10.70 -3.31
CA ALA A 21 -0.96 -11.32 -2.97
C ALA A 21 0.17 -10.73 -3.81
N TRP A 22 -0.08 -10.50 -5.10
CA TRP A 22 0.94 -9.89 -5.95
C TRP A 22 1.16 -8.43 -5.58
N SER A 23 0.10 -7.69 -5.28
CA SER A 23 0.27 -6.30 -4.85
C SER A 23 1.04 -6.23 -3.53
N TYR A 24 0.79 -7.18 -2.63
CA TYR A 24 1.51 -7.23 -1.37
C TYR A 24 3.00 -7.48 -1.60
N TYR A 25 3.33 -8.39 -2.51
CA TYR A 25 4.74 -8.67 -2.80
C TYR A 25 5.38 -7.55 -3.60
N ILE A 26 4.77 -7.18 -4.72
CA ILE A 26 5.37 -6.18 -5.61
C ILE A 26 5.45 -4.82 -4.93
N GLY A 27 4.37 -4.43 -4.23
CA GLY A 27 4.33 -3.09 -3.66
C GLY A 27 5.00 -2.96 -2.31
N TYR A 28 5.09 -4.05 -1.56
CA TYR A 28 5.64 -3.97 -0.20
C TYR A 28 6.85 -4.87 0.01
N LEU A 29 6.73 -6.17 -0.25
CA LEU A 29 7.73 -7.11 0.24
C LEU A 29 9.03 -6.99 -0.54
N ARG A 30 8.95 -6.93 -1.86
CA ARG A 30 10.16 -6.83 -2.68
C ARG A 30 10.89 -5.52 -2.44
N LEU A 31 10.23 -4.53 -1.83
CA LEU A 31 10.84 -3.23 -1.59
C LEU A 31 11.51 -3.15 -0.21
N ILE A 32 10.80 -3.57 0.84
CA ILE A 32 11.31 -3.38 2.20
C ILE A 32 12.20 -4.53 2.66
N LEU A 33 11.93 -5.76 2.20
CA LEU A 33 12.70 -6.91 2.66
C LEU A 33 14.19 -6.82 2.32
N PRO A 34 14.60 -6.45 1.10
CA PRO A 34 16.05 -6.34 0.84
C PRO A 34 16.74 -5.35 1.76
N GLU A 35 16.07 -4.27 2.17
CA GLU A 35 16.62 -3.31 3.09
C GLU A 35 16.28 -3.62 4.55
N LEU A 36 15.57 -4.71 4.81
CA LEU A 36 15.13 -5.01 6.17
C LEU A 36 16.31 -5.29 7.09
N GLN A 37 17.21 -6.18 6.66
CA GLN A 37 18.30 -6.60 7.54
C GLN A 37 19.24 -5.45 7.87
N ALA A 38 19.46 -4.54 6.91
CA ALA A 38 20.27 -3.36 7.18
C ALA A 38 19.62 -2.49 8.24
N ARG A 39 18.29 -2.30 8.16
CA ARG A 39 17.59 -1.48 9.14
C ARG A 39 17.65 -2.11 10.52
N ILE A 40 17.51 -3.43 10.60
CA ILE A 40 17.59 -4.12 11.89
C ILE A 40 18.97 -3.95 12.51
N ARG A 41 20.01 -3.98 11.67
CA ARG A 41 21.37 -3.74 12.17
C ARG A 41 21.50 -2.36 12.78
N THR A 42 20.91 -1.34 12.13
CA THR A 42 21.02 0.02 12.65
C THR A 42 20.37 0.15 14.01
N TYR A 43 19.18 -0.43 14.18
CA TYR A 43 18.48 -0.31 15.45
C TYR A 43 19.21 -1.06 16.57
N ASN A 44 19.75 -2.25 16.27
CA ASN A 44 20.47 -3.00 17.29
C ASN A 44 21.69 -2.23 17.80
N GLN A 45 22.42 -1.58 16.90
CA GLN A 45 23.58 -0.80 17.32
C GLN A 45 23.15 0.52 17.97
N HIS A 46 22.44 1.35 17.21
CA HIS A 46 21.96 2.63 17.74
C HIS A 46 20.87 2.42 18.78
N ALA A 54 18.11 -7.70 21.62
CA ALA A 54 18.42 -7.93 20.22
C ALA A 54 17.17 -8.34 19.45
N VAL A 55 17.02 -7.78 18.25
CA VAL A 55 15.86 -8.02 17.40
C VAL A 55 16.20 -9.13 16.41
N SER A 56 15.21 -9.99 16.14
CA SER A 56 15.39 -11.03 15.14
C SER A 56 15.53 -10.43 13.76
N GLN A 57 16.16 -11.18 12.86
CA GLN A 57 16.54 -10.68 11.54
C GLN A 57 15.44 -10.82 10.50
N ARG A 58 14.31 -11.43 10.83
CA ARG A 58 13.27 -11.73 9.85
C ARG A 58 11.97 -11.02 10.22
N LEU A 59 11.22 -10.64 9.18
CA LEU A 59 9.93 -10.00 9.34
C LEU A 59 8.85 -11.06 9.48
N TYR A 60 8.04 -10.96 10.53
CA TYR A 60 6.97 -11.92 10.78
C TYR A 60 5.64 -11.29 10.39
N ILE A 61 4.92 -11.96 9.50
CA ILE A 61 3.66 -11.47 8.95
C ILE A 61 2.54 -12.36 9.47
N LEU A 62 1.63 -11.78 10.24
CA LEU A 62 0.49 -12.52 10.77
C LEU A 62 -0.56 -12.68 9.68
N LEU A 63 -1.09 -13.89 9.55
CA LEU A 63 -2.08 -14.22 8.53
C LEU A 63 -3.28 -14.91 9.17
N PRO A 64 -4.12 -14.17 9.89
CA PRO A 64 -5.36 -14.76 10.42
C PRO A 64 -6.31 -15.09 9.29
N LEU A 65 -6.64 -16.38 9.14
CA LEU A 65 -7.46 -16.83 8.03
C LEU A 65 -8.89 -16.30 8.08
N ASP A 66 -9.36 -15.86 9.25
CA ASP A 66 -10.68 -15.27 9.36
C ASP A 66 -10.72 -13.82 8.88
N CYS A 67 -9.60 -13.30 8.39
CA CYS A 67 -9.46 -11.91 7.92
C CYS A 67 -9.74 -10.89 9.01
N GLY A 68 -9.62 -11.28 10.28
CA GLY A 68 -9.74 -10.35 11.38
C GLY A 68 -8.41 -9.67 11.66
N VAL A 69 -8.31 -8.39 11.31
CA VAL A 69 -7.03 -7.68 11.36
C VAL A 69 -7.17 -6.45 12.24
N PRO A 70 -6.94 -6.55 13.54
CA PRO A 70 -6.92 -5.35 14.39
C PRO A 70 -5.78 -4.42 14.00
N ASP A 71 -6.02 -3.12 14.15
CA ASP A 71 -4.97 -2.14 13.91
C ASP A 71 -3.96 -2.09 15.04
N ASN A 72 -4.39 -2.38 16.27
CA ASN A 72 -3.51 -2.42 17.43
C ASN A 72 -3.24 -3.88 17.78
N LEU A 73 -2.00 -4.31 17.57
CA LEU A 73 -1.62 -5.69 17.87
C LEU A 73 -1.68 -5.97 19.36
N SER A 74 -1.53 -4.94 20.20
CA SER A 74 -1.65 -5.12 21.65
C SER A 74 -3.05 -5.57 22.03
N MET A 75 -4.07 -5.03 21.37
CA MET A 75 -5.44 -5.45 21.64
C MET A 75 -5.64 -6.92 21.32
N ALA A 76 -4.98 -7.42 20.28
CA ALA A 76 -5.10 -8.83 19.93
C ALA A 76 -4.58 -9.74 21.04
N ASP A 77 -3.47 -9.34 21.68
CA ASP A 77 -2.87 -10.12 22.75
C ASP A 77 -2.13 -9.19 23.70
N PRO A 78 -2.48 -9.20 24.99
CA PRO A 78 -1.74 -8.38 25.96
C PRO A 78 -0.26 -8.72 26.03
N ASN A 79 0.10 -9.98 25.80
CA ASN A 79 1.50 -10.41 25.87
C ASN A 79 2.32 -9.87 24.71
N ILE A 80 1.69 -9.28 23.68
CA ILE A 80 2.41 -8.67 22.58
C ILE A 80 2.47 -7.17 22.84
N ARG A 81 3.66 -6.67 23.16
CA ARG A 81 3.87 -5.29 23.58
C ARG A 81 4.71 -4.56 22.54
N PHE A 82 4.23 -3.41 22.10
CA PHE A 82 5.01 -2.56 21.20
C PHE A 82 6.23 -2.03 21.93
N LEU A 83 7.37 -2.01 21.25
CA LEU A 83 8.63 -1.57 21.84
C LEU A 83 9.13 -0.27 21.22
N ASP A 84 9.34 -0.25 19.90
CA ASP A 84 9.87 0.92 19.21
C ASP A 84 9.77 0.67 17.71
N LYS A 85 9.80 1.75 16.95
CA LYS A 85 9.77 1.65 15.50
C LYS A 85 11.17 1.41 14.94
N LEU A 86 11.23 0.65 13.85
CA LEU A 86 12.45 0.56 13.08
C LEU A 86 12.74 1.88 12.40
N PRO A 87 13.98 2.13 12.00
CA PRO A 87 14.27 3.32 11.19
C PRO A 87 13.42 3.32 9.93
N GLN A 88 12.85 4.47 9.62
CA GLN A 88 11.92 4.56 8.49
C GLN A 88 12.66 4.33 7.17
N GLN A 89 11.93 3.78 6.21
CA GLN A 89 12.43 3.61 4.85
C GLN A 89 11.63 4.52 3.93
N THR A 90 12.34 5.34 3.16
CA THR A 90 11.71 6.32 2.29
C THR A 90 12.22 6.15 0.87
N GLY A 91 11.36 6.50 -0.09
CA GLY A 91 11.71 6.44 -1.49
C GLY A 91 10.61 6.99 -2.37
N ASP A 92 10.99 7.66 -3.45
CA ASP A 92 9.99 8.19 -4.38
C ASP A 92 9.31 7.04 -5.11
N ARG A 93 7.98 7.02 -5.07
CA ARG A 93 7.22 5.92 -5.65
C ARG A 93 5.94 6.46 -6.27
N ALA A 94 5.75 6.19 -7.56
CA ALA A 94 4.55 6.57 -8.30
C ALA A 94 4.26 8.06 -8.18
N GLY A 95 5.32 8.86 -8.26
CA GLY A 95 5.19 10.31 -8.21
C GLY A 95 5.11 10.92 -6.83
N ILE A 96 5.19 10.12 -5.78
CA ILE A 96 5.14 10.61 -4.41
C ILE A 96 6.55 10.64 -3.85
N LYS A 97 7.03 11.83 -3.51
CA LYS A 97 8.40 11.99 -3.04
C LYS A 97 8.51 11.59 -1.57
N ASP A 98 9.45 10.69 -1.28
CA ASP A 98 9.71 10.17 0.07
C ASP A 98 8.45 9.54 0.67
N ARG A 99 7.94 8.53 -0.02
CA ARG A 99 6.88 7.71 0.57
C ARG A 99 7.45 6.86 1.69
N VAL A 100 6.81 6.90 2.85
CA VAL A 100 7.39 6.36 4.08
C VAL A 100 6.93 4.93 4.28
N TYR A 101 7.89 4.03 4.45
CA TYR A 101 7.64 2.65 4.86
C TYR A 101 8.19 2.47 6.26
N SER A 102 7.32 2.16 7.22
CA SER A 102 7.70 2.05 8.61
C SER A 102 7.23 0.71 9.17
N ASN A 103 7.97 0.23 10.17
CA ASN A 103 7.67 -1.04 10.82
C ASN A 103 7.83 -0.87 12.32
N SER A 104 7.13 -1.72 13.07
CA SER A 104 7.10 -1.66 14.52
C SER A 104 7.73 -2.91 15.12
N ILE A 105 8.57 -2.70 16.14
CA ILE A 105 9.19 -3.81 16.85
C ILE A 105 8.36 -4.12 18.09
N TYR A 106 8.04 -5.40 18.28
CA TYR A 106 7.22 -5.84 19.39
C TYR A 106 8.00 -6.78 20.30
N GLU A 107 7.59 -6.81 21.56
CA GLU A 107 8.12 -7.75 22.55
C GLU A 107 7.06 -8.78 22.86
N LEU A 108 7.48 -10.04 22.94
CA LEU A 108 6.58 -11.15 23.22
C LEU A 108 6.79 -11.61 24.66
N LEU A 109 5.74 -11.56 25.46
CA LEU A 109 5.79 -11.92 26.87
C LEU A 109 5.23 -13.32 27.08
N GLU A 110 5.83 -14.03 28.04
CA GLU A 110 5.39 -15.37 28.41
C GLU A 110 5.54 -15.52 29.92
N ASN A 111 4.41 -15.62 30.63
CA ASN A 111 4.38 -15.72 32.09
C ASN A 111 5.16 -14.58 32.73
N GLY A 112 4.99 -13.37 32.19
CA GLY A 112 5.66 -12.20 32.73
C GLY A 112 7.12 -12.07 32.35
N GLN A 113 7.63 -12.93 31.47
CA GLN A 113 9.02 -12.89 31.05
C GLN A 113 9.12 -12.51 29.57
N ARG A 114 10.18 -11.79 29.24
CA ARG A 114 10.43 -11.35 27.87
C ARG A 114 11.04 -12.51 27.09
N ALA A 115 10.22 -13.16 26.26
CA ALA A 115 10.63 -14.38 25.58
C ALA A 115 11.18 -14.14 24.17
N GLY A 116 11.09 -12.93 23.65
CA GLY A 116 11.60 -12.68 22.31
C GLY A 116 11.26 -11.29 21.86
N THR A 117 11.87 -10.92 20.73
CA THR A 117 11.67 -9.60 20.13
C THR A 117 11.83 -9.73 18.63
N CYS A 118 10.88 -9.16 17.88
CA CYS A 118 10.89 -9.29 16.43
C CYS A 118 10.04 -8.19 15.82
N VAL A 119 10.21 -8.00 14.51
CA VAL A 119 9.37 -7.09 13.75
C VAL A 119 8.10 -7.84 13.36
N LEU A 120 6.96 -7.37 13.87
CA LEU A 120 5.70 -8.09 13.76
C LEU A 120 4.63 -7.17 13.20
N GLU A 121 3.80 -7.70 12.31
CA GLU A 121 2.74 -6.93 11.69
C GLU A 121 1.77 -7.87 11.00
N TYR A 122 0.52 -7.41 10.86
CA TYR A 122 -0.47 -8.17 10.11
C TYR A 122 -0.28 -7.98 8.62
N ALA A 123 -0.86 -8.90 7.84
CA ALA A 123 -0.92 -8.76 6.39
C ALA A 123 -2.13 -7.90 6.06
N THR A 124 -1.87 -6.64 5.72
CA THR A 124 -2.95 -5.68 5.43
C THR A 124 -3.94 -6.16 4.36
N PRO A 125 -3.54 -6.82 3.27
CA PRO A 125 -4.53 -7.22 2.27
C PRO A 125 -5.65 -8.09 2.83
N LEU A 126 -5.40 -8.88 3.87
CA LEU A 126 -6.48 -9.62 4.51
C LEU A 126 -7.52 -8.67 5.07
N GLN A 127 -7.08 -7.54 5.63
CA GLN A 127 -8.01 -6.51 6.08
C GLN A 127 -8.82 -5.96 4.91
N THR A 128 -8.16 -5.75 3.76
CA THR A 128 -8.89 -5.30 2.57
C THR A 128 -9.91 -6.33 2.12
N LEU A 129 -9.56 -7.63 2.19
CA LEU A 129 -10.52 -8.67 1.84
C LEU A 129 -11.75 -8.61 2.73
N PHE A 130 -11.57 -8.35 4.02
CA PHE A 130 -12.70 -8.22 4.93
C PHE A 130 -13.55 -7.01 4.54
N ALA A 131 -12.91 -5.87 4.24
CA ALA A 131 -13.67 -4.68 3.89
C ALA A 131 -14.42 -4.86 2.57
N MET A 132 -13.83 -5.59 1.62
CA MET A 132 -14.50 -5.82 0.34
C MET A 132 -15.80 -6.60 0.53
N SER A 133 -15.81 -7.56 1.46
CA SER A 133 -17.02 -8.33 1.71
C SER A 133 -18.16 -7.45 2.22
N GLN A 134 -17.84 -6.38 2.93
CA GLN A 134 -18.87 -5.50 3.49
C GLN A 134 -19.48 -4.61 2.42
N TYR A 135 -18.68 -4.12 1.47
CA TYR A 135 -19.21 -3.24 0.44
C TYR A 135 -20.07 -4.02 -0.55
N SER A 136 -21.27 -3.52 -0.81
CA SER A 136 -22.21 -4.23 -1.66
C SER A 136 -21.76 -4.22 -3.12
N GLN A 137 -21.37 -3.05 -3.63
CA GLN A 137 -20.96 -2.95 -5.04
C GLN A 137 -19.64 -3.64 -5.31
N ALA A 138 -18.91 -4.05 -4.28
CA ALA A 138 -17.67 -4.81 -4.49
C ALA A 138 -17.93 -6.19 -5.06
N GLY A 139 -19.15 -6.71 -4.90
CA GLY A 139 -19.46 -8.03 -5.42
C GLY A 139 -18.72 -9.16 -4.74
N PHE A 140 -18.32 -8.97 -3.48
CA PHE A 140 -17.54 -9.96 -2.75
C PHE A 140 -18.39 -10.52 -1.61
N SER A 141 -18.70 -11.81 -1.69
CA SER A 141 -19.52 -12.45 -0.67
C SER A 141 -18.75 -12.56 0.65
N ARG A 142 -19.48 -12.46 1.75
CA ARG A 142 -18.89 -12.57 3.07
C ARG A 142 -18.54 -14.00 3.46
N GLU A 143 -19.06 -15.00 2.74
CA GLU A 143 -18.71 -16.38 3.01
C GLU A 143 -17.40 -16.79 2.35
N ASP A 144 -16.90 -16.01 1.40
CA ASP A 144 -15.66 -16.30 0.69
C ASP A 144 -14.43 -15.73 1.38
N ARG A 145 -14.61 -15.13 2.56
CA ARG A 145 -13.48 -14.51 3.26
C ARG A 145 -12.43 -15.55 3.62
N LEU A 146 -12.86 -16.71 4.13
CA LEU A 146 -11.91 -17.72 4.59
C LEU A 146 -11.11 -18.30 3.42
N GLU A 147 -11.78 -18.68 2.34
CA GLU A 147 -11.08 -19.32 1.23
C GLU A 147 -10.20 -18.33 0.48
N GLN A 148 -10.63 -17.08 0.36
CA GLN A 148 -9.75 -16.08 -0.24
C GLN A 148 -8.53 -15.83 0.64
N ALA A 149 -8.70 -15.88 1.96
CA ALA A 149 -7.54 -15.80 2.85
C ALA A 149 -6.61 -16.98 2.64
N LYS A 150 -7.16 -18.19 2.47
CA LYS A 150 -6.35 -19.35 2.13
C LYS A 150 -5.66 -19.15 0.79
N LEU A 151 -6.39 -18.63 -0.20
CA LEU A 151 -5.80 -18.37 -1.51
C LEU A 151 -4.71 -17.31 -1.41
N PHE A 152 -4.93 -16.29 -0.58
CA PHE A 152 -3.91 -15.25 -0.40
C PHE A 152 -2.63 -15.83 0.19
N CYS A 153 -2.75 -16.69 1.21
CA CYS A 153 -1.57 -17.28 1.82
C CYS A 153 -0.86 -18.22 0.85
N ARG A 154 -1.62 -19.10 0.18
CA ARG A 154 -1.02 -20.06 -0.73
C ARG A 154 -0.32 -19.36 -1.89
N THR A 155 -0.94 -18.33 -2.45
CA THR A 155 -0.31 -17.57 -3.53
C THR A 155 0.93 -16.83 -3.00
N LEU A 156 0.82 -16.20 -1.83
CA LEU A 156 1.96 -15.50 -1.25
C LEU A 156 3.08 -16.48 -0.91
N GLU A 157 2.73 -17.65 -0.39
CA GLU A 157 3.74 -18.66 -0.09
C GLU A 157 4.47 -19.11 -1.34
N ASP A 158 3.73 -19.30 -2.45
CA ASP A 158 4.36 -19.68 -3.70
C ASP A 158 5.26 -18.56 -4.23
N ILE A 159 4.80 -17.31 -4.12
CA ILE A 159 5.60 -16.18 -4.60
C ILE A 159 6.92 -16.12 -3.85
N LEU A 160 6.87 -16.24 -2.52
CA LEU A 160 8.09 -16.18 -1.71
C LEU A 160 8.96 -17.40 -1.89
N ALA A 161 8.38 -18.54 -2.29
CA ALA A 161 9.18 -19.75 -2.47
C ALA A 161 10.20 -19.58 -3.58
N ASP A 162 9.77 -19.05 -4.72
CA ASP A 162 10.64 -18.85 -5.87
C ASP A 162 11.27 -17.47 -5.92
N ALA A 163 11.00 -16.62 -4.93
CA ALA A 163 11.57 -15.27 -4.93
C ALA A 163 12.81 -15.25 -4.06
N PRO A 164 14.01 -15.03 -4.62
CA PRO A 164 15.20 -14.86 -3.78
C PRO A 164 15.17 -13.58 -2.96
N GLU A 165 14.39 -12.59 -3.37
CA GLU A 165 14.29 -11.34 -2.62
C GLU A 165 13.98 -11.61 -1.15
N SER A 166 12.99 -12.43 -0.88
CA SER A 166 12.67 -12.85 0.48
C SER A 166 13.43 -14.13 0.85
N GLN A 167 14.75 -14.12 0.66
CA GLN A 167 15.58 -15.24 1.07
C GLN A 167 15.70 -15.27 2.58
N ASN A 168 14.77 -15.96 3.24
CA ASN A 168 14.76 -16.11 4.70
C ASN A 168 14.78 -14.75 5.40
N ASN A 169 14.24 -13.72 4.74
CA ASN A 169 14.10 -12.41 5.34
C ASN A 169 12.71 -12.18 5.90
N CYS A 170 11.82 -13.17 5.80
CA CYS A 170 10.49 -13.09 6.38
C CYS A 170 9.93 -14.50 6.47
N ARG A 171 8.97 -14.67 7.38
CA ARG A 171 8.26 -15.93 7.52
C ARG A 171 6.79 -15.65 7.83
N LEU A 172 5.91 -16.41 7.20
CA LEU A 172 4.47 -16.22 7.33
C LEU A 172 3.94 -17.05 8.49
N ILE A 173 2.96 -16.49 9.20
CA ILE A 173 2.34 -17.14 10.35
C ILE A 173 0.84 -17.22 10.04
N ALA A 174 0.41 -18.35 9.48
CA ALA A 174 -0.99 -18.56 9.13
C ALA A 174 -1.67 -19.35 10.24
N TYR A 175 -2.81 -18.84 10.71
CA TYR A 175 -3.53 -19.47 11.80
C TYR A 175 -5.02 -19.21 11.64
N GLN A 176 -5.82 -20.07 12.27
CA GLN A 176 -7.27 -19.93 12.28
C GLN A 176 -7.74 -20.05 13.73
N GLU A 177 -8.31 -18.96 14.24
CA GLU A 177 -8.73 -18.91 15.63
C GLU A 177 -9.99 -19.76 15.85
N PRO A 178 -10.13 -20.37 17.04
CA PRO A 178 -11.32 -21.14 17.40
C PRO A 178 -12.59 -20.30 17.39
N PHE A 184 -7.38 -18.72 22.82
CA PHE A 184 -6.26 -18.73 21.89
C PHE A 184 -5.16 -17.76 22.36
N SER A 185 -3.91 -18.10 22.07
CA SER A 185 -2.76 -17.29 22.44
C SER A 185 -1.98 -16.94 21.18
N LEU A 186 -2.18 -15.72 20.67
CA LEU A 186 -1.44 -15.28 19.49
C LEU A 186 0.05 -15.15 19.79
N SER A 187 0.39 -14.69 20.99
CA SER A 187 1.80 -14.54 21.37
C SER A 187 2.51 -15.89 21.36
N GLN A 188 1.84 -16.93 21.86
CA GLN A 188 2.42 -18.27 21.81
C GLN A 188 2.61 -18.74 20.38
N GLU A 189 1.67 -18.38 19.49
CA GLU A 189 1.78 -18.77 18.09
C GLU A 189 3.04 -18.20 17.46
N VAL A 190 3.35 -16.92 17.73
CA VAL A 190 4.55 -16.30 17.18
C VAL A 190 5.79 -16.92 17.79
N LEU A 191 5.77 -17.15 19.11
CA LEU A 191 6.95 -17.69 19.79
C LEU A 191 7.34 -19.07 19.26
N ARG A 192 6.34 -19.86 18.83
CA ARG A 192 6.65 -21.17 18.27
C ARG A 192 7.50 -21.04 17.02
N HIS A 193 7.10 -20.17 16.09
CA HIS A 193 7.94 -19.89 14.92
C HIS A 193 9.24 -19.23 15.33
N LEU A 194 9.18 -18.29 16.28
CA LEU A 194 10.36 -17.54 16.68
C LEU A 194 11.41 -18.45 17.30
N ARG A 195 10.97 -19.41 18.13
CA ARG A 195 11.93 -20.30 18.78
C ARG A 195 12.49 -21.34 17.82
N GLN A 196 11.71 -21.74 16.81
CA GLN A 196 12.21 -22.68 15.82
C GLN A 196 13.44 -22.13 15.10
N GLU A 197 13.52 -20.80 14.93
CA GLU A 197 14.67 -20.19 14.29
C GLU A 197 15.89 -20.13 15.20
N GLU A 198 15.75 -20.40 16.49
CA GLU A 198 16.88 -20.36 17.40
C GLU A 198 17.65 -21.68 17.38
N PHE B 14 -10.07 -9.99 -15.23
CA PHE B 14 -10.94 -9.00 -14.61
C PHE B 14 -10.79 -8.97 -13.09
N ASN B 15 -10.54 -10.15 -12.50
CA ASN B 15 -10.46 -10.25 -11.05
C ASN B 15 -9.31 -9.41 -10.50
N VAL B 16 -8.16 -9.41 -11.19
CA VAL B 16 -6.98 -8.72 -10.67
C VAL B 16 -7.22 -7.21 -10.63
N ALA B 17 -7.76 -6.65 -11.72
CA ALA B 17 -8.01 -5.22 -11.76
C ALA B 17 -9.09 -4.82 -10.77
N HIS B 18 -10.13 -5.64 -10.64
CA HIS B 18 -11.21 -5.34 -9.71
C HIS B 18 -10.70 -5.25 -8.28
N GLY B 19 -9.85 -6.19 -7.88
CA GLY B 19 -9.32 -6.19 -6.52
C GLY B 19 -8.41 -5.00 -6.26
N LEU B 20 -7.53 -4.69 -7.20
CA LEU B 20 -6.59 -3.59 -7.01
C LEU B 20 -7.30 -2.25 -6.90
N ALA B 21 -8.35 -2.06 -7.71
CA ALA B 21 -9.12 -0.82 -7.61
C ALA B 21 -9.78 -0.69 -6.24
N TRP B 22 -10.34 -1.79 -5.74
CA TRP B 22 -10.96 -1.75 -4.41
C TRP B 22 -9.93 -1.58 -3.31
N SER B 23 -8.78 -2.23 -3.44
CA SER B 23 -7.71 -2.02 -2.45
C SER B 23 -7.18 -0.59 -2.50
N TYR B 24 -7.17 0.01 -3.70
CA TYR B 24 -6.76 1.40 -3.82
C TYR B 24 -7.73 2.32 -3.09
N TYR B 25 -9.04 2.05 -3.20
CA TYR B 25 -10.03 2.87 -2.50
C TYR B 25 -10.05 2.56 -1.01
N ILE B 26 -10.13 1.28 -0.65
CA ILE B 26 -10.24 0.90 0.75
C ILE B 26 -8.96 1.27 1.51
N GLY B 27 -7.80 1.01 0.90
CA GLY B 27 -6.56 1.23 1.61
C GLY B 27 -6.03 2.65 1.59
N TYR B 28 -6.34 3.42 0.54
CA TYR B 28 -5.78 4.76 0.38
C TYR B 28 -6.84 5.85 0.32
N LEU B 29 -7.78 5.74 -0.63
CA LEU B 29 -8.59 6.90 -0.97
C LEU B 29 -9.57 7.25 0.14
N ARG B 30 -10.29 6.25 0.64
CA ARG B 30 -11.27 6.51 1.69
C ARG B 30 -10.61 6.98 2.98
N LEU B 31 -9.31 6.76 3.14
CA LEU B 31 -8.60 7.21 4.33
C LEU B 31 -8.10 8.64 4.20
N ILE B 32 -7.53 9.01 3.05
CA ILE B 32 -6.88 10.32 2.93
C ILE B 32 -7.82 11.39 2.36
N LEU B 33 -8.80 10.98 1.54
CA LEU B 33 -9.70 11.98 0.95
C LEU B 33 -10.47 12.78 2.00
N PRO B 34 -11.04 12.18 3.06
CA PRO B 34 -11.68 13.02 4.08
C PRO B 34 -10.75 14.04 4.71
N GLU B 35 -9.49 13.67 4.93
CA GLU B 35 -8.53 14.56 5.56
C GLU B 35 -7.73 15.39 4.56
N LEU B 36 -7.97 15.20 3.26
CA LEU B 36 -7.19 15.91 2.25
C LEU B 36 -7.40 17.41 2.34
N GLN B 37 -8.66 17.84 2.49
CA GLN B 37 -8.96 19.27 2.45
C GLN B 37 -8.27 20.01 3.59
N ALA B 38 -8.31 19.45 4.80
CA ALA B 38 -7.69 20.11 5.94
C ALA B 38 -6.18 20.24 5.74
N ARG B 39 -5.55 19.20 5.21
CA ARG B 39 -4.10 19.25 4.99
C ARG B 39 -3.72 20.31 3.97
N ILE B 40 -4.52 20.44 2.91
CA ILE B 40 -4.23 21.43 1.87
C ILE B 40 -4.38 22.83 2.43
N ARG B 41 -5.46 23.09 3.18
CA ARG B 41 -5.63 24.42 3.77
C ARG B 41 -4.46 24.75 4.67
N THR B 42 -4.01 23.79 5.48
CA THR B 42 -2.93 24.05 6.41
C THR B 42 -1.65 24.49 5.69
N TYR B 43 -1.31 23.82 4.59
CA TYR B 43 -0.15 24.23 3.81
C TYR B 43 -0.33 25.63 3.23
N ASN B 44 -1.53 25.93 2.71
CA ASN B 44 -1.80 27.24 2.15
C ASN B 44 -1.72 28.32 3.23
N GLN B 45 -2.16 28.01 4.44
CA GLN B 45 -2.08 28.96 5.54
C GLN B 45 -0.64 29.26 5.95
N HIS B 46 0.32 28.41 5.56
CA HIS B 46 1.72 28.63 5.87
C HIS B 46 2.56 28.81 4.60
N TYR B 47 1.92 29.07 3.46
CA TYR B 47 2.63 29.29 2.20
C TYR B 47 1.69 29.89 1.17
N VAL B 55 -9.83 24.92 -6.60
CA VAL B 55 -9.73 23.74 -7.46
C VAL B 55 -8.43 23.00 -7.14
N SER B 56 -7.46 23.73 -6.61
CA SER B 56 -6.22 23.09 -6.16
C SER B 56 -6.41 22.18 -4.96
N GLN B 57 -7.58 22.23 -4.32
CA GLN B 57 -7.95 21.40 -3.18
C GLN B 57 -8.24 19.94 -3.56
N ARG B 58 -7.96 19.52 -4.78
CA ARG B 58 -8.33 18.20 -5.27
C ARG B 58 -7.09 17.36 -5.55
N LEU B 59 -7.21 16.06 -5.33
CA LEU B 59 -6.14 15.12 -5.63
C LEU B 59 -6.28 14.64 -7.08
N TYR B 60 -5.25 14.87 -7.87
CA TYR B 60 -5.24 14.46 -9.27
C TYR B 60 -4.42 13.19 -9.42
N ILE B 61 -5.04 12.14 -9.93
CA ILE B 61 -4.45 10.81 -10.00
C ILE B 61 -4.21 10.48 -11.47
N LEU B 62 -2.94 10.31 -11.83
CA LEU B 62 -2.58 9.95 -13.19
C LEU B 62 -2.84 8.46 -13.42
N LEU B 63 -3.46 8.13 -14.54
CA LEU B 63 -3.81 6.75 -14.87
C LEU B 63 -3.35 6.44 -16.29
N PRO B 64 -2.04 6.27 -16.49
CA PRO B 64 -1.56 5.86 -17.82
C PRO B 64 -2.03 4.45 -18.14
N LEU B 65 -2.74 4.31 -19.25
CA LEU B 65 -3.33 3.03 -19.61
C LEU B 65 -2.29 2.00 -20.02
N ASP B 66 -1.07 2.43 -20.34
CA ASP B 66 0.01 1.50 -20.66
C ASP B 66 0.71 0.98 -19.41
N CYS B 67 0.28 1.41 -18.23
CA CYS B 67 0.84 1.02 -16.93
C CYS B 67 2.30 1.44 -16.78
N GLY B 68 2.77 2.37 -17.60
CA GLY B 68 4.09 2.94 -17.40
C GLY B 68 4.06 3.98 -16.29
N VAL B 69 4.60 3.63 -15.14
CA VAL B 69 4.48 4.47 -13.95
C VAL B 69 5.89 4.82 -13.46
N PRO B 70 6.51 5.87 -13.99
CA PRO B 70 7.77 6.34 -13.43
C PRO B 70 7.60 6.77 -11.98
N ASP B 71 8.61 6.45 -11.16
CA ASP B 71 8.56 6.87 -9.76
C ASP B 71 8.84 8.36 -9.60
N ASN B 72 9.55 8.97 -10.55
CA ASN B 72 9.82 10.40 -10.54
C ASN B 72 8.98 11.05 -11.63
N LEU B 73 8.08 11.95 -11.23
CA LEU B 73 7.22 12.63 -12.19
C LEU B 73 8.01 13.54 -13.12
N SER B 74 9.11 14.11 -12.62
CA SER B 74 9.93 14.99 -13.45
C SER B 74 10.48 14.25 -14.67
N MET B 75 10.87 12.98 -14.49
CA MET B 75 11.33 12.19 -15.62
C MET B 75 10.23 11.99 -16.66
N ALA B 76 8.97 11.88 -16.21
CA ALA B 76 7.86 11.76 -17.15
C ALA B 76 7.71 13.04 -17.98
N ASP B 77 7.86 14.20 -17.35
CA ASP B 77 7.72 15.49 -18.00
C ASP B 77 8.56 16.53 -17.27
N PRO B 78 9.51 17.16 -17.96
CA PRO B 78 10.32 18.21 -17.30
C PRO B 78 9.49 19.36 -16.76
N ASN B 79 8.39 19.70 -17.42
CA ASN B 79 7.53 20.79 -16.96
C ASN B 79 6.84 20.49 -15.64
N ILE B 80 6.85 19.23 -15.20
CA ILE B 80 6.30 18.85 -13.90
C ILE B 80 7.46 18.83 -12.91
N ARG B 81 7.44 19.76 -11.96
CA ARG B 81 8.54 19.94 -11.02
C ARG B 81 8.01 19.81 -9.60
N PHE B 82 8.70 19.03 -8.78
CA PHE B 82 8.31 18.86 -7.39
C PHE B 82 8.50 20.17 -6.62
N LEU B 83 7.54 20.49 -5.78
CA LEU B 83 7.55 21.75 -5.02
C LEU B 83 7.70 21.52 -3.52
N ASP B 84 6.82 20.74 -2.91
CA ASP B 84 6.82 20.57 -1.46
C ASP B 84 5.86 19.45 -1.09
N LYS B 85 6.09 18.84 0.06
CA LYS B 85 5.22 17.79 0.57
C LYS B 85 4.07 18.38 1.38
N LEU B 86 2.91 17.73 1.30
CA LEU B 86 1.81 18.08 2.17
C LEU B 86 2.10 17.63 3.60
N PRO B 87 1.40 18.19 4.58
CA PRO B 87 1.52 17.66 5.95
C PRO B 87 1.16 16.19 5.99
N GLN B 88 1.95 15.41 6.72
CA GLN B 88 1.79 13.97 6.72
C GLN B 88 0.54 13.56 7.50
N GLN B 89 -0.10 12.49 7.03
CA GLN B 89 -1.24 11.88 7.70
C GLN B 89 -0.80 10.51 8.22
N THR B 90 -0.93 10.30 9.53
CA THR B 90 -0.43 9.10 10.17
C THR B 90 -1.56 8.39 10.91
N GLY B 91 -1.42 7.07 11.01
CA GLY B 91 -2.36 6.25 11.75
C GLY B 91 -1.91 4.82 11.87
N ASP B 92 -2.26 4.17 12.97
CA ASP B 92 -1.93 2.76 13.14
C ASP B 92 -2.82 1.90 12.25
N ARG B 93 -2.21 1.00 11.49
CA ARG B 93 -2.98 0.10 10.63
C ARG B 93 -2.29 -1.25 10.56
N ALA B 94 -3.07 -2.33 10.71
CA ALA B 94 -2.59 -3.70 10.56
C ALA B 94 -1.39 -3.98 11.46
N GLY B 95 -1.44 -3.47 12.69
CA GLY B 95 -0.38 -3.71 13.64
C GLY B 95 0.87 -2.90 13.45
N ILE B 96 0.86 -1.91 12.55
CA ILE B 96 2.00 -1.03 12.32
C ILE B 96 1.67 0.33 12.91
N LYS B 97 2.51 0.78 13.84
CA LYS B 97 2.28 2.05 14.53
C LYS B 97 2.72 3.22 13.66
N ASP B 98 1.85 4.21 13.54
CA ASP B 98 2.12 5.45 12.82
C ASP B 98 2.54 5.18 11.37
N ARG B 99 1.67 4.49 10.65
CA ARG B 99 1.87 4.34 9.21
C ARG B 99 1.59 5.68 8.54
N VAL B 100 2.52 6.13 7.70
CA VAL B 100 2.54 7.49 7.19
C VAL B 100 1.93 7.52 5.79
N TYR B 101 1.00 8.45 5.58
CA TYR B 101 0.41 8.73 4.28
C TYR B 101 0.82 10.14 3.87
N SER B 102 1.62 10.24 2.81
CA SER B 102 2.18 11.52 2.38
C SER B 102 1.90 11.74 0.90
N ASN B 103 1.79 13.02 0.53
CA ASN B 103 1.54 13.40 -0.86
C ASN B 103 2.48 14.55 -1.22
N SER B 104 2.81 14.63 -2.51
CA SER B 104 3.75 15.62 -3.02
C SER B 104 3.03 16.64 -3.88
N ILE B 105 3.37 17.91 -3.68
CA ILE B 105 2.80 19.01 -4.45
C ILE B 105 3.71 19.31 -5.63
N TYR B 106 3.13 19.40 -6.83
CA TYR B 106 3.89 19.64 -8.04
C TYR B 106 3.41 20.94 -8.70
N GLU B 107 4.31 21.55 -9.47
CA GLU B 107 3.99 22.71 -10.27
C GLU B 107 4.07 22.35 -11.74
N LEU B 108 3.18 22.92 -12.55
CA LEU B 108 3.11 22.64 -13.97
C LEU B 108 3.62 23.84 -14.75
N LEU B 109 4.61 23.60 -15.60
CA LEU B 109 5.25 24.66 -16.38
C LEU B 109 4.73 24.68 -17.80
N GLU B 110 4.66 25.88 -18.38
CA GLU B 110 4.22 26.07 -19.76
C GLU B 110 5.06 27.20 -20.36
N ASN B 111 5.91 26.84 -21.33
CA ASN B 111 6.82 27.80 -21.98
C ASN B 111 7.67 28.54 -20.95
N GLY B 112 8.10 27.82 -19.92
CA GLY B 112 8.86 28.42 -18.85
C GLY B 112 8.05 29.17 -17.82
N GLN B 113 6.72 29.16 -17.95
CA GLN B 113 5.85 29.91 -17.04
C GLN B 113 5.14 28.95 -16.08
N ARG B 114 4.90 29.43 -14.87
CA ARG B 114 4.27 28.63 -13.83
C ARG B 114 2.76 28.68 -14.04
N ALA B 115 2.21 27.60 -14.61
CA ALA B 115 0.81 27.60 -15.01
C ALA B 115 -0.13 27.07 -13.94
N GLY B 116 0.38 26.37 -12.93
CA GLY B 116 -0.49 25.85 -11.89
C GLY B 116 0.29 25.03 -10.89
N THR B 117 -0.39 24.71 -9.80
CA THR B 117 0.21 23.92 -8.73
C THR B 117 -0.89 23.05 -8.10
N CYS B 118 -0.63 21.75 -8.00
CA CYS B 118 -1.64 20.83 -7.51
C CYS B 118 -0.98 19.59 -6.94
N VAL B 119 -1.75 18.83 -6.18
CA VAL B 119 -1.28 17.54 -5.65
C VAL B 119 -1.44 16.50 -6.75
N LEU B 120 -0.31 15.97 -7.23
CA LEU B 120 -0.28 15.07 -8.38
C LEU B 120 0.48 13.81 -8.03
N GLU B 121 -0.04 12.67 -8.50
CA GLU B 121 0.61 11.39 -8.27
C GLU B 121 -0.01 10.36 -9.20
N TYR B 122 0.75 9.30 -9.46
CA TYR B 122 0.24 8.18 -10.23
C TYR B 122 -0.58 7.25 -9.34
N ALA B 123 -1.37 6.39 -9.98
CA ALA B 123 -2.06 5.32 -9.29
C ALA B 123 -1.10 4.14 -9.21
N THR B 124 -0.56 3.90 -8.01
CA THR B 124 0.43 2.85 -7.82
C THR B 124 -0.02 1.46 -8.30
N PRO B 125 -1.28 1.03 -8.11
CA PRO B 125 -1.64 -0.32 -8.56
C PRO B 125 -1.38 -0.59 -10.03
N LEU B 126 -1.44 0.44 -10.88
CA LEU B 126 -1.05 0.26 -12.28
C LEU B 126 0.39 -0.21 -12.41
N GLN B 127 1.26 0.28 -11.51
CA GLN B 127 2.64 -0.20 -11.48
C GLN B 127 2.69 -1.68 -11.09
N THR B 128 1.78 -2.11 -10.21
CA THR B 128 1.70 -3.53 -9.87
C THR B 128 1.27 -4.37 -11.07
N LEU B 129 0.30 -3.87 -11.84
CA LEU B 129 -0.14 -4.60 -13.03
C LEU B 129 0.99 -4.74 -14.04
N PHE B 130 1.80 -3.71 -14.20
CA PHE B 130 2.94 -3.79 -15.11
C PHE B 130 3.90 -4.90 -14.69
N ALA B 131 4.19 -4.98 -13.38
CA ALA B 131 5.12 -5.99 -12.90
C ALA B 131 4.56 -7.40 -13.09
N MET B 132 3.25 -7.57 -12.87
CA MET B 132 2.65 -8.89 -13.03
C MET B 132 2.80 -9.38 -14.46
N SER B 133 2.71 -8.48 -15.44
CA SER B 133 2.92 -8.87 -16.83
C SER B 133 4.36 -9.29 -17.11
N GLN B 134 5.30 -8.93 -16.23
CA GLN B 134 6.69 -9.29 -16.42
C GLN B 134 7.07 -10.58 -15.70
N TYR B 135 6.61 -10.77 -14.47
CA TYR B 135 6.94 -11.97 -13.72
C TYR B 135 6.22 -13.19 -14.30
N SER B 136 6.96 -14.30 -14.45
CA SER B 136 6.44 -15.45 -15.18
C SER B 136 5.32 -16.14 -14.42
N GLN B 137 5.52 -16.41 -13.13
CA GLN B 137 4.54 -17.19 -12.39
C GLN B 137 3.25 -16.42 -12.12
N ALA B 138 3.22 -15.12 -12.40
CA ALA B 138 1.97 -14.37 -12.30
C ALA B 138 0.95 -14.80 -13.34
N GLY B 139 1.40 -15.50 -14.40
CA GLY B 139 0.49 -15.93 -15.44
C GLY B 139 -0.23 -14.79 -16.13
N PHE B 140 0.36 -13.61 -16.13
CA PHE B 140 -0.29 -12.40 -16.61
C PHE B 140 0.34 -12.01 -17.94
N SER B 141 -0.45 -12.09 -19.01
CA SER B 141 0.02 -11.71 -20.33
C SER B 141 0.24 -10.19 -20.42
N ARG B 142 1.24 -9.80 -21.20
CA ARG B 142 1.50 -8.38 -21.41
C ARG B 142 0.35 -7.72 -22.17
N GLU B 143 -0.36 -8.48 -23.00
CA GLU B 143 -1.52 -7.94 -23.70
C GLU B 143 -2.62 -7.56 -22.71
N ASP B 144 -2.80 -8.35 -21.66
CA ASP B 144 -3.82 -8.08 -20.65
C ASP B 144 -3.50 -6.84 -19.81
N ARG B 145 -2.28 -6.30 -19.92
CA ARG B 145 -1.92 -5.13 -19.14
C ARG B 145 -2.80 -3.94 -19.50
N LEU B 146 -3.00 -3.70 -20.79
CA LEU B 146 -3.90 -2.63 -21.22
C LEU B 146 -5.34 -2.93 -20.82
N GLU B 147 -5.77 -4.18 -20.95
CA GLU B 147 -7.14 -4.54 -20.63
C GLU B 147 -7.45 -4.31 -19.15
N GLN B 148 -6.59 -4.84 -18.27
CA GLN B 148 -6.83 -4.67 -16.84
C GLN B 148 -6.68 -3.22 -16.41
N ALA B 149 -5.85 -2.45 -17.11
CA ALA B 149 -5.75 -1.02 -16.80
C ALA B 149 -7.07 -0.31 -17.06
N LYS B 150 -7.73 -0.63 -18.17
CA LYS B 150 -9.03 -0.04 -18.45
C LYS B 150 -10.06 -0.45 -17.41
N LEU B 151 -10.07 -1.74 -17.04
CA LEU B 151 -10.99 -2.22 -16.02
C LEU B 151 -10.72 -1.56 -14.67
N PHE B 152 -9.43 -1.36 -14.35
CA PHE B 152 -9.08 -0.72 -13.09
C PHE B 152 -9.66 0.68 -13.00
N CYS B 153 -9.53 1.46 -14.07
CA CYS B 153 -10.06 2.83 -14.08
C CYS B 153 -11.59 2.83 -14.01
N ARG B 154 -12.23 2.00 -14.83
CA ARG B 154 -13.70 1.96 -14.84
C ARG B 154 -14.24 1.52 -13.49
N THR B 155 -13.60 0.51 -12.87
CA THR B 155 -13.99 0.12 -11.52
C THR B 155 -13.74 1.26 -10.53
N LEU B 156 -12.60 1.93 -10.65
CA LEU B 156 -12.29 3.03 -9.74
C LEU B 156 -13.27 4.19 -9.93
N GLU B 157 -13.65 4.48 -11.17
CA GLU B 157 -14.62 5.54 -11.43
C GLU B 157 -15.97 5.21 -10.81
N ASP B 158 -16.41 3.95 -10.90
CA ASP B 158 -17.68 3.56 -10.30
C ASP B 158 -17.63 3.69 -8.78
N ILE B 159 -16.52 3.29 -8.17
CA ILE B 159 -16.40 3.38 -6.71
C ILE B 159 -16.47 4.83 -6.27
N LEU B 160 -15.72 5.71 -6.94
CA LEU B 160 -15.70 7.12 -6.57
C LEU B 160 -17.00 7.83 -6.91
N ALA B 161 -17.76 7.31 -7.89
CA ALA B 161 -19.04 7.91 -8.22
C ALA B 161 -20.02 7.81 -7.05
N ASP B 162 -20.05 6.65 -6.39
CA ASP B 162 -20.88 6.44 -5.22
C ASP B 162 -20.13 6.62 -3.90
N ALA B 163 -18.85 6.99 -3.96
CA ALA B 163 -18.07 7.14 -2.74
C ALA B 163 -18.52 8.38 -1.97
N PRO B 164 -18.90 8.25 -0.69
CA PRO B 164 -19.26 9.44 0.09
C PRO B 164 -18.05 10.30 0.42
N GLU B 165 -16.90 9.66 0.67
CA GLU B 165 -15.71 10.40 1.06
C GLU B 165 -15.18 11.30 -0.06
N SER B 166 -15.61 11.07 -1.30
CA SER B 166 -15.18 11.87 -2.44
C SER B 166 -16.26 12.88 -2.77
N GLN B 167 -16.01 14.15 -2.42
CA GLN B 167 -16.92 15.25 -2.72
C GLN B 167 -16.08 16.42 -3.24
N ASN B 168 -15.90 16.45 -4.57
CA ASN B 168 -15.11 17.48 -5.26
C ASN B 168 -13.70 17.57 -4.69
N ASN B 169 -13.10 16.42 -4.40
CA ASN B 169 -11.75 16.36 -3.84
C ASN B 169 -10.83 15.42 -4.61
N CYS B 170 -11.31 14.76 -5.66
CA CYS B 170 -10.50 13.80 -6.39
C CYS B 170 -10.92 13.79 -7.86
N ARG B 171 -9.94 13.88 -8.75
CA ARG B 171 -10.15 13.82 -10.19
C ARG B 171 -9.18 12.81 -10.79
N LEU B 172 -9.68 12.01 -11.73
CA LEU B 172 -8.90 10.97 -12.38
C LEU B 172 -8.49 11.42 -13.77
N ILE B 173 -7.21 11.27 -14.09
CA ILE B 173 -6.67 11.64 -15.39
C ILE B 173 -6.23 10.35 -16.08
N ALA B 174 -7.06 9.85 -16.99
CA ALA B 174 -6.77 8.64 -17.74
C ALA B 174 -6.31 9.00 -19.14
N TYR B 175 -5.22 8.40 -19.58
CA TYR B 175 -4.63 8.74 -20.86
C TYR B 175 -3.81 7.55 -21.37
N GLN B 176 -3.74 7.41 -22.69
CA GLN B 176 -2.89 6.43 -23.33
C GLN B 176 -2.04 7.14 -24.39
N GLU B 177 -0.76 6.79 -24.43
CA GLU B 177 0.19 7.46 -25.31
C GLU B 177 0.80 6.51 -26.33
N PHE B 184 3.45 14.26 -27.40
CA PHE B 184 2.54 14.35 -26.26
C PHE B 184 3.21 15.02 -25.07
N SER B 185 2.42 15.76 -24.30
CA SER B 185 2.91 16.47 -23.12
C SER B 185 2.05 16.07 -21.92
N LEU B 186 2.68 15.42 -20.94
CA LEU B 186 1.96 15.05 -19.72
C LEU B 186 1.54 16.29 -18.93
N SER B 187 2.42 17.29 -18.86
CA SER B 187 2.10 18.51 -18.13
C SER B 187 0.91 19.23 -18.74
N GLN B 188 0.83 19.26 -20.08
CA GLN B 188 -0.32 19.85 -20.75
C GLN B 188 -1.60 19.09 -20.41
N GLU B 189 -1.51 17.76 -20.35
CA GLU B 189 -2.69 16.95 -20.05
C GLU B 189 -3.25 17.28 -18.67
N VAL B 190 -2.39 17.41 -17.67
CA VAL B 190 -2.85 17.80 -16.35
C VAL B 190 -3.35 19.24 -16.36
N LEU B 191 -2.65 20.12 -17.09
CA LEU B 191 -3.09 21.49 -17.23
C LEU B 191 -4.46 21.59 -17.87
N ARG B 192 -4.76 20.66 -18.80
CA ARG B 192 -6.07 20.69 -19.46
C ARG B 192 -7.19 20.50 -18.45
N HIS B 193 -7.04 19.56 -17.51
CA HIS B 193 -8.07 19.33 -16.51
C HIS B 193 -8.16 20.48 -15.51
N LEU B 194 -7.03 21.13 -15.23
CA LEU B 194 -7.05 22.26 -14.29
C LEU B 194 -7.81 23.44 -14.88
N ARG B 195 -7.49 23.81 -16.12
CA ARG B 195 -8.16 24.92 -16.78
C ARG B 195 -9.57 24.58 -17.24
N GLN B 196 -9.88 23.28 -17.38
CA GLN B 196 -11.21 22.88 -17.82
C GLN B 196 -12.28 23.27 -16.82
N GLU B 197 -11.95 23.29 -15.53
CA GLU B 197 -12.93 23.58 -14.48
C GLU B 197 -12.50 24.79 -13.65
N1 K1L C . 1.03 6.46 0.47
N1 K1L C . 3.60 -0.55 5.36
C2 K1L C . 0.64 6.34 -0.80
C2 K1L C . 2.86 -1.66 5.35
C4 K1L C . -0.59 4.54 -0.44
C4 K1L C . 2.51 -1.58 3.15
C5 K1L C . -0.27 4.53 0.91
C5 K1L C . 3.27 -0.42 3.03
C6 K1L C . 0.58 5.55 1.36
C6 K1L C . 3.82 0.10 4.21
C12 K1L C . 2.98 -1.60 5.33
C12 K1L C . 0.44 6.54 -1.02
C14 K1L C . 2.54 -1.52 3.06
C14 K1L C . -0.71 4.57 -0.59
C15 K1L C . 3.22 -0.34 2.99
C15 K1L C . -0.30 4.62 0.71
C16 K1L C . 3.79 0.18 4.17
C16 K1L C . 0.50 5.71 1.10
C22 K1L C . -1.05 2.36 -2.86
C22 K1L C . -0.24 -2.84 1.82
C24 K1L C . -2.73 0.87 -2.31
C24 K1L C . -0.01 -3.21 -0.45
C25 K1L C . -3.27 -0.31 -1.52
C25 K1L C . 0.01 -2.75 -1.89
C34 K1L C . -0.09 -3.22 -0.58
C34 K1L C . -2.80 0.67 -2.39
C18 K1L C . 2.53 -0.79 1.01
C18 K1L C . -1.50 2.86 0.50
C21 K1L C . -2.02 3.05 -1.91
C21 K1L C . 1.25 -3.03 1.51
C23 K1L C . -1.23 0.90 -2.46
C23 K1L C . -0.77 -2.32 0.51
C31 K1L C . 1.30 -3.01 1.44
C31 K1L C . -2.12 2.99 -1.98
C32 K1L C . -0.18 -2.91 1.75
C32 K1L C . -1.18 2.26 -2.95
C33 K1L C . -0.73 -2.33 0.46
C33 K1L C . -1.30 0.84 -2.48
C35 K1L C . -0.17 -2.71 -1.99
C35 K1L C . -3.25 -0.54 -1.61
C36 K1L C . 1.36 -3.34 -0.07
C36 K1L C . -3.27 2.00 -1.76
C8 K1L C . -1.54 2.87 0.59
C8 K1L C . 2.58 -0.91 1.07
F22 K1L C . -1.50 2.53 -4.16
F22 K1L C . -0.79 -4.10 2.07
N11 K1L C . 3.67 -0.45 5.34
N11 K1L C . 0.87 6.67 0.25
N13 K1L C . 2.39 -2.19 4.24
N13 K1L C . -0.36 5.52 -1.50
N17 K1L C . 3.21 0.13 1.67
N17 K1L C . -0.81 3.54 1.42
N19 K1L C . 2.09 -1.82 1.81
N19 K1L C . -1.47 3.44 -0.74
N3 K1L C . -0.16 5.42 -1.35
N3 K1L C . 2.28 -2.24 4.29
N6 K1L C . 0.96 5.64 2.65
N6 K1L C . 4.56 1.22 4.19
N7 K1L C . -0.88 3.47 1.54
N7 K1L C . 3.30 0.00 1.70
N9 K1L C . -1.41 3.47 -0.64
N9 K1L C . 2.08 -1.89 1.89
O16 K1L C . 4.40 1.24 4.12
O16 K1L C . 0.87 5.78 2.27
O23 K1L C . -0.79 0.03 -3.54
O23 K1L C . -2.19 -2.58 0.42
O24 K1L C . -3.04 2.10 -1.63
O24 K1L C . 1.34 -3.20 0.10
O25 K1L C . -2.96 -0.13 -0.13
O25 K1L C . 0.73 -1.50 -1.99
O32 K1L C . -0.72 -4.22 1.93
O32 K1L C . -1.71 2.37 -4.28
O33 K1L C . -2.17 -2.48 0.39
O33 K1L C . -0.77 -0.08 -3.46
O35 K1L C . 0.63 -1.52 -2.15
O35 K1L C . -3.11 -0.31 -0.19
P25 K1L C . -3.15 -1.33 0.90
P25 K1L C . 0.70 -0.66 -3.35
P35 K1L C . 0.62 -0.70 -3.50
P35 K1L C . -3.26 -1.49 0.86
O25A K1L C . -4.56 -1.81 0.84
O25A K1L C . 1.68 0.46 -3.26
O25B K1L C . -2.73 -0.88 2.27
O25B K1L C . 0.97 -1.59 -4.50
O35A K1L C . 1.71 0.33 -3.47
O35A K1L C . -2.91 -0.98 2.22
O35B K1L C . 0.73 -1.65 -4.66
O35B K1L C . -4.65 -2.06 0.76
#